data_7F4A
#
_entry.id   7F4A
#
_cell.length_a   113.786
_cell.length_b   113.786
_cell.length_c   26.620
_cell.angle_alpha   90.000
_cell.angle_beta   90.000
_cell.angle_gamma   120.000
#
_symmetry.space_group_name_H-M   'P 65'
#
loop_
_entity.id
_entity.type
_entity.pdbx_description
1 polymer 'Transcription initiation factor TFIID subunit 14'
2 polymer 'Histone H3'
3 water water
#
loop_
_entity_poly.entity_id
_entity_poly.type
_entity_poly.pdbx_seq_one_letter_code
_entity_poly.pdbx_strand_id
1 'polypeptide(L)'
;VATVKRTIRIKTQQHILPEVPPVENFPVRQWSIEIVLLDDEGKEIPATIFDKVIYHLHPTFANPNRTFTDPPFRIEEQGW
GGFPLDISVFLLEKAGERKIPHDLNFLQESYEVEHVIQIPLNKPLLTEELAKSGST
;
A
2 'polypeptide(L)' (ACE)QTAR(LBZ)STGG B
#
# COMPACT_ATOMS: atom_id res chain seq x y z
N VAL A 1 2.68 -23.84 7.68
CA VAL A 1 1.87 -22.95 8.49
C VAL A 1 0.41 -23.17 8.14
N ALA A 2 -0.42 -23.21 9.15
CA ALA A 2 -1.81 -22.95 8.96
C ALA A 2 -1.97 -21.47 8.73
N THR A 3 -2.76 -21.10 7.73
CA THR A 3 -2.99 -19.73 7.33
C THR A 3 -4.45 -19.44 7.06
N VAL A 4 -4.79 -18.18 7.16
CA VAL A 4 -6.02 -17.65 6.67
C VAL A 4 -5.78 -16.56 5.61
N LYS A 5 -6.77 -16.33 4.80
CA LYS A 5 -6.68 -15.36 3.74
C LYS A 5 -7.43 -14.09 4.10
N ARG A 6 -6.84 -12.97 3.74
CA ARG A 6 -7.43 -11.67 3.88
C ARG A 6 -7.15 -10.84 2.63
N THR A 7 -8.08 -9.98 2.30
CA THR A 7 -7.95 -9.09 1.17
C THR A 7 -7.61 -7.71 1.69
N ILE A 8 -6.52 -7.15 1.20
CA ILE A 8 -6.22 -5.77 1.48
C ILE A 8 -6.47 -4.94 0.21
N ARG A 9 -6.75 -3.68 0.42
CA ARG A 9 -7.08 -2.78 -0.68
C ARG A 9 -6.09 -1.64 -0.67
N ILE A 10 -5.39 -1.44 -1.78
CA ILE A 10 -4.43 -0.36 -1.94
C ILE A 10 -5.13 0.78 -2.66
N LYS A 11 -5.07 1.99 -2.08
CA LYS A 11 -5.77 3.15 -2.62
C LYS A 11 -4.78 4.22 -3.06
N THR A 12 -4.90 4.65 -4.32
CA THR A 12 -3.97 5.58 -4.91
C THR A 12 -4.75 6.77 -5.44
N GLN A 13 -4.19 7.96 -5.26
CA GLN A 13 -4.73 9.21 -5.82
C GLN A 13 -3.58 10.02 -6.39
N GLN A 14 -3.87 10.84 -7.41
CA GLN A 14 -2.82 11.67 -8.00
C GLN A 14 -3.46 12.87 -8.66
N HIS A 15 -2.76 14.00 -8.67
CA HIS A 15 -3.21 15.15 -9.45
C HIS A 15 -2.03 16.02 -9.83
N ILE A 16 -2.16 16.69 -10.98
CA ILE A 16 -1.12 17.58 -11.49
C ILE A 16 -0.88 18.72 -10.51
N LEU A 17 0.41 19.07 -10.34
CA LEU A 17 0.83 20.26 -9.62
C LEU A 17 1.24 21.31 -10.64
N PRO A 18 0.36 22.24 -11.02
CA PRO A 18 0.72 23.17 -12.13
C PRO A 18 1.81 24.17 -11.78
N GLU A 19 2.01 24.49 -10.49
CA GLU A 19 3.07 25.40 -10.07
C GLU A 19 4.46 24.80 -10.18
N VAL A 20 4.56 23.48 -10.36
CA VAL A 20 5.85 22.82 -10.59
C VAL A 20 6.13 22.83 -12.09
N PRO A 21 7.26 23.35 -12.52
CA PRO A 21 7.56 23.36 -13.95
C PRO A 21 7.55 21.95 -14.50
N PRO A 22 6.82 21.72 -15.60
CA PRO A 22 6.90 20.41 -16.26
C PRO A 22 8.35 20.09 -16.57
N VAL A 23 8.68 18.81 -16.54
CA VAL A 23 10.02 18.31 -16.83
C VAL A 23 9.93 17.64 -18.18
N GLU A 24 10.65 18.19 -19.17
CA GLU A 24 10.57 17.69 -20.55
C GLU A 24 9.13 17.61 -21.03
N ASN A 25 8.36 18.66 -20.71
CA ASN A 25 6.96 18.86 -21.10
C ASN A 25 5.99 17.94 -20.37
N PHE A 26 6.48 17.08 -19.44
CA PHE A 26 5.64 16.20 -18.63
C PHE A 26 5.35 16.87 -17.30
N PRO A 27 4.08 17.00 -16.94
CA PRO A 27 3.77 17.67 -15.69
C PRO A 27 4.24 16.87 -14.47
N VAL A 28 4.51 17.57 -13.41
CA VAL A 28 4.82 16.91 -12.16
C VAL A 28 3.51 16.79 -11.40
N ARG A 29 3.30 15.62 -10.79
CA ARG A 29 2.07 15.32 -10.07
C ARG A 29 2.36 14.97 -8.64
N GLN A 30 1.41 15.32 -7.77
CA GLN A 30 1.42 14.81 -6.41
C GLN A 30 0.60 13.53 -6.38
N TRP A 31 1.09 12.54 -5.62
CA TRP A 31 0.36 11.30 -5.52
C TRP A 31 0.48 10.77 -4.12
N SER A 32 -0.43 9.85 -3.79
CA SER A 32 -0.48 9.23 -2.49
C SER A 32 -0.92 7.78 -2.66
N ILE A 33 -0.49 6.95 -1.72
CA ILE A 33 -0.91 5.57 -1.60
C ILE A 33 -1.27 5.33 -0.13
N GLU A 34 -2.39 4.66 0.13
CA GLU A 34 -2.75 4.17 1.45
C GLU A 34 -3.20 2.73 1.33
N ILE A 35 -3.29 2.06 2.48
CA ILE A 35 -3.65 0.64 2.53
C ILE A 35 -4.70 0.43 3.62
N VAL A 36 -5.80 -0.23 3.27
CA VAL A 36 -6.82 -0.64 4.24
C VAL A 36 -7.03 -2.14 4.13
N LEU A 37 -7.62 -2.71 5.19
CA LEU A 37 -8.00 -4.12 5.20
C LEU A 37 -9.50 -4.20 4.97
N LEU A 38 -9.93 -5.26 4.28
CA LEU A 38 -11.35 -5.51 4.08
C LEU A 38 -11.79 -6.60 5.05
N ASP A 39 -12.97 -6.41 5.64
CA ASP A 39 -13.53 -7.48 6.46
C ASP A 39 -14.32 -8.44 5.57
N ASP A 40 -14.93 -9.47 6.17
CA ASP A 40 -15.55 -10.52 5.38
C ASP A 40 -16.83 -10.05 4.68
N GLU A 41 -17.33 -8.86 5.03
CA GLU A 41 -18.43 -8.24 4.30
C GLU A 41 -17.94 -7.25 3.24
N GLY A 42 -16.65 -6.95 3.20
CA GLY A 42 -16.14 -6.02 2.21
C GLY A 42 -16.03 -4.59 2.68
N LYS A 43 -16.18 -4.33 3.97
CA LYS A 43 -16.04 -2.98 4.49
C LYS A 43 -14.57 -2.69 4.80
N GLU A 44 -14.15 -1.46 4.51
CA GLU A 44 -12.77 -1.08 4.78
C GLU A 44 -12.58 -0.90 6.27
N ILE A 45 -11.54 -1.50 6.83
CA ILE A 45 -11.21 -1.30 8.23
C ILE A 45 -9.71 -1.06 8.36
N PRO A 46 -9.28 -0.47 9.48
CA PRO A 46 -7.85 -0.19 9.64
C PRO A 46 -7.03 -1.48 9.59
N ALA A 47 -5.89 -1.40 8.93
CA ALA A 47 -5.06 -2.58 8.69
C ALA A 47 -4.08 -2.79 9.85
N THR A 48 -4.65 -3.02 11.05
CA THR A 48 -3.88 -3.20 12.27
C THR A 48 -3.15 -4.54 12.34
N ILE A 49 -3.33 -5.43 11.36
CA ILE A 49 -2.56 -6.67 11.31
C ILE A 49 -1.12 -6.45 10.86
N PHE A 50 -0.77 -5.24 10.43
CA PHE A 50 0.58 -4.91 10.00
C PHE A 50 1.29 -4.07 11.05
N ASP A 51 2.51 -4.46 11.37
CA ASP A 51 3.37 -3.67 12.26
C ASP A 51 3.98 -2.46 11.55
N LYS A 52 4.29 -2.63 10.28
CA LYS A 52 4.90 -1.56 9.51
C LYS A 52 4.74 -1.89 8.04
N VAL A 53 4.82 -0.84 7.23
CA VAL A 53 4.67 -0.93 5.79
C VAL A 53 5.84 -0.17 5.20
N ILE A 54 6.55 -0.78 4.25
CA ILE A 54 7.64 -0.06 3.60
C ILE A 54 7.33 0.01 2.11
N TYR A 55 7.26 1.23 1.59
CA TYR A 55 7.11 1.48 0.17
C TYR A 55 8.49 1.50 -0.46
N HIS A 56 8.72 0.61 -1.40
CA HIS A 56 10.01 0.56 -2.08
C HIS A 56 9.82 1.32 -3.38
N LEU A 57 10.18 2.59 -3.37
CA LEU A 57 9.92 3.47 -4.49
C LEU A 57 11.01 3.35 -5.53
N HIS A 58 10.68 3.82 -6.74
CA HIS A 58 11.64 3.86 -7.84
C HIS A 58 12.93 4.52 -7.35
N PRO A 59 14.10 4.02 -7.78
CA PRO A 59 15.36 4.52 -7.21
C PRO A 59 15.63 6.00 -7.46
N THR A 60 14.88 6.66 -8.36
CA THR A 60 15.10 8.09 -8.59
C THR A 60 14.70 8.94 -7.38
N PHE A 61 13.85 8.44 -6.50
CA PHE A 61 13.37 9.22 -5.36
C PHE A 61 14.44 9.31 -4.28
N ALA A 62 14.47 10.46 -3.59
CA ALA A 62 15.34 10.60 -2.44
C ALA A 62 14.84 9.70 -1.32
N ASN A 63 15.73 8.87 -0.76
CA ASN A 63 15.32 7.91 0.26
C ASN A 63 14.13 7.13 -0.30
N PRO A 64 14.34 6.20 -1.22
CA PRO A 64 13.19 5.57 -1.90
C PRO A 64 12.43 4.56 -1.04
N ASN A 65 12.91 4.25 0.15
CA ASN A 65 12.28 3.24 1.02
C ASN A 65 11.70 3.92 2.23
N ARG A 66 10.38 4.06 2.22
CA ARG A 66 9.64 4.90 3.16
C ARG A 66 8.85 4.00 4.09
N THR A 67 9.10 4.13 5.38
CA THR A 67 8.53 3.27 6.40
C THR A 67 7.40 4.00 7.12
N PHE A 68 6.28 3.31 7.33
CA PHE A 68 5.16 3.84 8.06
C PHE A 68 4.66 2.78 9.03
N THR A 69 4.15 3.21 10.20
CA THR A 69 3.74 2.28 11.25
C THR A 69 2.31 2.47 11.73
N ASP A 70 1.62 3.50 11.26
CA ASP A 70 0.24 3.76 11.68
C ASP A 70 -0.69 3.62 10.48
N PRO A 71 -1.73 2.81 10.56
CA PRO A 71 -2.74 2.76 9.50
C PRO A 71 -3.31 4.14 9.22
N PRO A 72 -3.66 4.45 7.96
CA PRO A 72 -3.58 3.59 6.77
C PRO A 72 -2.22 3.66 6.04
N PHE A 73 -1.15 3.97 6.77
CA PHE A 73 0.19 3.92 6.18
C PHE A 73 0.30 4.79 4.94
N ARG A 74 -0.22 6.02 5.05
CA ARG A 74 -0.32 6.90 3.89
C ARG A 74 1.03 7.48 3.51
N ILE A 75 1.42 7.32 2.26
CA ILE A 75 2.60 7.96 1.70
C ILE A 75 2.14 9.05 0.73
N GLU A 76 2.90 10.15 0.69
CA GLU A 76 2.67 11.24 -0.25
C GLU A 76 3.99 11.60 -0.92
N GLU A 77 4.00 11.68 -2.25
CA GLU A 77 5.22 12.04 -3.00
C GLU A 77 4.84 12.87 -4.22
N GLN A 78 5.87 13.31 -4.94
CA GLN A 78 5.72 14.03 -6.19
C GLN A 78 6.57 13.37 -7.26
N GLY A 79 6.13 13.47 -8.51
CA GLY A 79 6.89 12.89 -9.59
C GLY A 79 6.21 13.12 -10.91
N TRP A 80 6.84 12.61 -11.97
CA TRP A 80 6.35 12.81 -13.32
C TRP A 80 6.22 11.52 -14.09
N GLY A 81 6.53 10.39 -13.48
CA GLY A 81 6.44 9.13 -14.19
C GLY A 81 5.81 8.03 -13.38
N GLY A 82 4.97 7.22 -14.00
CA GLY A 82 4.48 6.03 -13.32
C GLY A 82 5.54 4.95 -13.26
N PHE A 83 5.38 4.00 -12.34
CA PHE A 83 6.39 2.97 -12.19
C PHE A 83 5.80 1.83 -11.38
N PRO A 84 6.30 0.61 -11.57
CA PRO A 84 5.93 -0.47 -10.68
C PRO A 84 6.70 -0.36 -9.36
N LEU A 85 6.08 -0.85 -8.30
CA LEU A 85 6.78 -0.85 -7.03
C LEU A 85 6.33 -2.04 -6.22
N ASP A 86 7.12 -2.37 -5.22
CA ASP A 86 6.78 -3.37 -4.23
C ASP A 86 6.48 -2.64 -2.93
N ILE A 87 5.38 -3.03 -2.27
CA ILE A 87 5.03 -2.60 -0.92
C ILE A 87 5.28 -3.76 0.02
N SER A 88 6.22 -3.60 0.97
CA SER A 88 6.43 -4.61 2.00
C SER A 88 5.49 -4.33 3.17
N VAL A 89 4.66 -5.30 3.50
CA VAL A 89 3.83 -5.26 4.68
C VAL A 89 4.33 -6.33 5.66
N PHE A 90 4.57 -5.90 6.89
CA PHE A 90 5.17 -6.72 7.94
C PHE A 90 4.06 -7.05 8.93
N LEU A 91 3.69 -8.33 9.00
CA LEU A 91 2.63 -8.77 9.91
C LEU A 91 3.07 -8.59 11.35
N LEU A 92 2.09 -8.43 12.24
CA LEU A 92 2.34 -8.31 13.69
C LEU A 92 3.16 -9.48 14.21
N GLU A 93 3.87 -9.27 15.31
CA GLU A 93 4.53 -10.36 16.06
C GLU A 93 5.53 -11.11 15.20
N LYS A 94 6.19 -10.38 14.31
CA LYS A 94 7.19 -10.92 13.41
C LYS A 94 6.65 -12.10 12.64
N ALA A 95 5.34 -12.08 12.31
CA ALA A 95 4.77 -13.24 11.63
C ALA A 95 5.21 -13.34 10.18
N GLY A 96 5.74 -12.27 9.57
CA GLY A 96 6.39 -12.36 8.28
C GLY A 96 6.15 -11.16 7.38
N GLU A 97 7.03 -10.99 6.41
CA GLU A 97 6.92 -9.95 5.40
C GLU A 97 6.12 -10.48 4.21
N ARG A 98 5.25 -9.65 3.66
CA ARG A 98 4.62 -9.94 2.38
C ARG A 98 4.96 -8.80 1.42
N LYS A 99 5.37 -9.14 0.21
CA LYS A 99 5.66 -8.15 -0.82
C LYS A 99 4.43 -8.04 -1.71
N ILE A 100 3.87 -6.84 -1.80
CA ILE A 100 2.65 -6.65 -2.57
C ILE A 100 2.99 -5.80 -3.79
N PRO A 101 2.82 -6.31 -5.00
CA PRO A 101 3.19 -5.53 -6.19
C PRO A 101 2.15 -4.46 -6.43
N HIS A 102 2.59 -3.27 -6.66
CA HIS A 102 1.71 -2.20 -7.05
C HIS A 102 2.27 -1.49 -8.29
N ASP A 103 1.40 -0.86 -9.05
CA ASP A 103 1.79 0.08 -10.05
C ASP A 103 1.26 1.49 -9.75
N LEU A 104 2.17 2.41 -9.69
CA LEU A 104 1.81 3.77 -9.52
C LEU A 104 1.72 4.40 -10.90
N ASN A 105 0.55 4.83 -11.26
CA ASN A 105 0.32 5.38 -12.58
C ASN A 105 -0.71 6.52 -12.59
N PHE A 106 -0.79 7.22 -13.69
CA PHE A 106 -1.60 8.41 -13.84
C PHE A 106 -2.82 8.20 -14.72
N LEU A 107 -3.19 6.96 -14.92
CA LEU A 107 -4.30 6.60 -15.76
C LEU A 107 -5.63 7.08 -15.24
N GLN A 108 -5.75 7.23 -13.95
CA GLN A 108 -6.96 7.73 -13.34
C GLN A 108 -6.59 8.67 -12.21
N GLU A 109 -7.54 9.49 -11.80
CA GLU A 109 -7.33 10.40 -10.69
C GLU A 109 -7.21 9.66 -9.37
N SER A 110 -7.92 8.54 -9.24
CA SER A 110 -7.82 7.65 -8.10
C SER A 110 -8.29 6.27 -8.55
N TYR A 111 -7.68 5.24 -7.97
CA TYR A 111 -8.01 3.87 -8.33
C TYR A 111 -7.62 2.99 -7.16
N GLU A 112 -8.24 1.83 -7.09
CA GLU A 112 -8.08 0.91 -5.97
C GLU A 112 -7.76 -0.45 -6.52
N VAL A 113 -6.89 -1.20 -5.84
CA VAL A 113 -6.46 -2.54 -6.24
C VAL A 113 -6.49 -3.43 -5.02
N GLU A 114 -7.08 -4.61 -5.15
CA GLU A 114 -7.21 -5.54 -4.04
C GLU A 114 -6.23 -6.70 -4.19
N HIS A 115 -5.70 -7.16 -3.06
CA HIS A 115 -4.73 -8.26 -3.02
C HIS A 115 -5.08 -9.16 -1.87
N VAL A 116 -5.04 -10.48 -2.13
CA VAL A 116 -5.24 -11.50 -1.11
C VAL A 116 -3.88 -11.91 -0.56
N ILE A 117 -3.75 -11.95 0.77
CA ILE A 117 -2.53 -12.42 1.39
C ILE A 117 -2.88 -13.54 2.37
N GLN A 118 -1.95 -14.46 2.54
CA GLN A 118 -2.09 -15.59 3.48
C GLN A 118 -1.33 -15.25 4.74
N ILE A 119 -2.00 -15.37 5.88
CA ILE A 119 -1.49 -14.90 7.16
C ILE A 119 -1.46 -16.10 8.10
N PRO A 120 -0.33 -16.38 8.74
CA PRO A 120 -0.27 -17.54 9.63
C PRO A 120 -1.12 -17.33 10.88
N LEU A 121 -1.39 -18.43 11.55
CA LEU A 121 -2.20 -18.49 12.76
C LEU A 121 -1.39 -18.95 13.94
N ASN A 122 -0.09 -18.67 13.95
CA ASN A 122 0.76 -19.21 15.01
C ASN A 122 1.25 -18.14 15.97
N LYS A 123 0.79 -16.90 15.87
CA LYS A 123 1.15 -15.84 16.82
C LYS A 123 -0.10 -15.36 17.55
N PRO A 124 -0.31 -15.73 18.82
CA PRO A 124 -1.59 -15.41 19.50
C PRO A 124 -2.09 -13.99 19.30
N LEU A 125 -1.22 -12.97 19.39
CA LEU A 125 -1.72 -11.60 19.28
C LEU A 125 -2.24 -11.31 17.87
N LEU A 126 -1.55 -11.80 16.85
CA LEU A 126 -2.03 -11.66 15.48
C LEU A 126 -3.32 -12.45 15.26
N THR A 127 -3.36 -13.69 15.77
CA THR A 127 -4.58 -14.50 15.66
C THR A 127 -5.78 -13.77 16.26
N GLU A 128 -5.60 -13.18 17.45
CA GLU A 128 -6.69 -12.42 18.02
C GLU A 128 -7.06 -11.23 17.16
N GLU A 129 -6.06 -10.55 16.62
CA GLU A 129 -6.34 -9.37 15.81
C GLU A 129 -7.12 -9.73 14.55
N LEU A 130 -6.80 -10.88 13.94
CA LEU A 130 -7.46 -11.33 12.72
C LEU A 130 -8.93 -11.60 12.92
N ALA A 131 -9.39 -11.81 14.17
CA ALA A 131 -10.79 -12.07 14.38
C ALA A 131 -11.64 -10.84 14.07
N LYS A 132 -11.04 -9.64 14.04
CA LYS A 132 -11.81 -8.44 13.72
C LYS A 132 -12.25 -8.39 12.27
N SER A 133 -11.60 -9.14 11.38
CA SER A 133 -11.84 -9.01 9.95
C SER A 133 -12.43 -10.28 9.33
N GLY A 134 -12.64 -11.34 10.08
CA GLY A 134 -13.27 -12.53 9.53
C GLY A 134 -12.98 -13.74 10.38
N SER A 135 -13.38 -14.90 9.87
CA SER A 135 -13.13 -16.11 10.64
C SER A 135 -11.64 -16.45 10.63
N THR A 136 -11.23 -17.30 11.56
CA THR A 136 -9.81 -17.66 11.66
C THR A 136 -9.58 -19.16 11.75
N GLN B 2 -1.28 11.03 -19.18
CA GLN B 2 -1.75 10.05 -18.21
C GLN B 2 -1.03 8.69 -18.29
N THR B 3 -0.42 8.41 -19.44
CA THR B 3 0.35 7.19 -19.66
C THR B 3 1.84 7.35 -19.34
N ALA B 4 2.23 8.50 -18.75
CA ALA B 4 3.64 8.75 -18.46
C ALA B 4 4.23 7.67 -17.57
N ARG B 5 5.35 7.10 -18.03
CA ARG B 5 6.14 6.13 -17.25
C ARG B 5 7.56 6.60 -17.06
#